data_3SK1
#
_entry.id   3SK1
#
_cell.length_a   72.560
_cell.length_b   79.340
_cell.length_c   87.940
_cell.angle_alpha   90.00
_cell.angle_beta   90.00
_cell.angle_gamma   90.00
#
_symmetry.space_group_name_H-M   'P 21 21 21'
#
loop_
_entity.id
_entity.type
_entity.pdbx_description
1 polymer EhpR
2 water water
#
_entity_poly.entity_id   1
_entity_poly.type   'polypeptide(L)'
_entity_poly.pdbx_seq_one_letter_code
;GSHMTDLAGPTITPNLQLVYVSNVERSTDFYRFIFKKEPVFVTPRYVAFPSSGDALFAIWSGGEEPVAEIPRFSEIGIML
PTGEDVDKLFNEWTKQKSHQIIVIKEPYTDVFGRTFLISDPDGHIIRVCPLD
;
_entity_poly.pdbx_strand_id   A,B,C,D
#
# COMPACT_ATOMS: atom_id res chain seq x y z
N PRO A 10 3.29 -10.43 -12.11
CA PRO A 10 2.74 -9.18 -11.53
C PRO A 10 1.30 -9.29 -11.05
N THR A 11 1.04 -8.84 -9.84
CA THR A 11 -0.32 -8.76 -9.28
C THR A 11 -1.13 -7.68 -10.01
N ILE A 12 -2.42 -7.97 -10.20
CA ILE A 12 -3.33 -7.12 -10.93
C ILE A 12 -4.28 -6.58 -9.91
N THR A 13 -4.12 -5.30 -9.60
CA THR A 13 -4.95 -4.58 -8.64
C THR A 13 -5.52 -3.37 -9.36
N PRO A 14 -6.79 -3.00 -9.03
CA PRO A 14 -7.40 -1.76 -9.45
C PRO A 14 -6.95 -0.64 -8.53
N ASN A 15 -5.77 -0.09 -8.83
CA ASN A 15 -5.05 0.87 -7.95
C ASN A 15 -5.01 2.29 -8.52
N LEU A 16 -5.87 2.55 -9.52
CA LEU A 16 -5.99 3.90 -10.14
C LEU A 16 -7.46 4.22 -10.45
N GLN A 17 -8.14 4.97 -9.58
CA GLN A 17 -9.51 5.43 -9.86
C GLN A 17 -9.37 6.75 -10.63
N LEU A 18 -9.67 6.71 -11.93
CA LEU A 18 -9.52 7.86 -12.87
C LEU A 18 -10.89 8.48 -13.16
N VAL A 19 -11.03 9.78 -12.92
CA VAL A 19 -12.22 10.49 -13.30
C VAL A 19 -11.97 11.60 -14.27
N TYR A 20 -12.89 11.74 -15.21
CA TYR A 20 -12.82 12.79 -16.25
C TYR A 20 -13.41 14.04 -15.68
N VAL A 21 -12.70 15.16 -15.79
CA VAL A 21 -13.23 16.40 -15.24
C VAL A 21 -13.20 17.43 -16.32
N SER A 22 -14.08 18.42 -16.22
CA SER A 22 -14.10 19.53 -17.20
C SER A 22 -13.04 20.57 -16.90
N ASN A 23 -12.80 20.82 -15.61
CA ASN A 23 -11.87 21.83 -15.21
C ASN A 23 -10.91 21.34 -14.12
N VAL A 24 -9.67 21.03 -14.51
CA VAL A 24 -8.70 20.39 -13.60
C VAL A 24 -8.43 21.27 -12.36
N GLU A 25 -8.31 22.59 -12.56
CA GLU A 25 -8.19 23.52 -11.45
C GLU A 25 -9.28 23.47 -10.39
N ARG A 26 -10.54 23.63 -10.76
CA ARG A 26 -11.65 23.50 -9.81
C ARG A 26 -11.74 22.09 -9.18
N SER A 27 -11.50 21.06 -9.97
CA SER A 27 -11.50 19.72 -9.44
C SER A 27 -10.37 19.49 -8.45
N THR A 28 -9.20 20.07 -8.73
CA THR A 28 -8.05 19.88 -7.82
C THR A 28 -8.37 20.55 -6.48
N ASP A 29 -8.83 21.80 -6.54
CA ASP A 29 -9.31 22.47 -5.35
C ASP A 29 -10.43 21.68 -4.65
N PHE A 30 -11.32 21.02 -5.39
CA PHE A 30 -12.44 20.27 -4.75
C PHE A 30 -11.93 19.03 -3.99
N TYR A 31 -11.13 18.25 -4.68
CA TYR A 31 -10.62 17.06 -4.08
C TYR A 31 -9.64 17.37 -2.95
N ARG A 32 -8.86 18.43 -3.10
CA ARG A 32 -7.95 18.82 -2.04
C ARG A 32 -8.76 19.02 -0.75
N PHE A 33 -9.93 19.66 -0.88
CA PHE A 33 -10.78 20.01 0.30
C PHE A 33 -11.48 18.81 0.90
N ILE A 34 -12.00 17.97 0.02
CA ILE A 34 -12.68 16.74 0.40
C ILE A 34 -11.70 15.76 1.08
N PHE A 35 -10.51 15.57 0.52
CA PHE A 35 -9.59 14.60 1.09
C PHE A 35 -8.80 15.13 2.30
N LYS A 36 -8.62 16.45 2.41
CA LYS A 36 -7.73 17.09 3.42
C LYS A 36 -6.29 16.69 3.13
N LYS A 37 -5.90 16.80 1.87
CA LYS A 37 -4.64 16.23 1.35
C LYS A 37 -4.25 16.96 0.09
N GLU A 38 -2.96 17.24 -0.02
CA GLU A 38 -2.41 17.79 -1.24
C GLU A 38 -2.29 16.66 -2.24
N PRO A 39 -2.36 16.99 -3.53
CA PRO A 39 -2.11 15.96 -4.51
C PRO A 39 -0.62 15.66 -4.58
N VAL A 40 -0.28 14.42 -4.98
CA VAL A 40 1.11 14.01 -5.17
C VAL A 40 1.66 14.23 -6.58
N PHE A 41 0.80 14.40 -7.56
CA PHE A 41 1.26 14.60 -8.91
C PHE A 41 0.31 15.61 -9.52
N VAL A 42 0.85 16.66 -10.10
CA VAL A 42 0.06 17.73 -10.73
C VAL A 42 0.68 18.16 -12.07
N THR A 43 -0.13 18.12 -13.09
CA THR A 43 0.12 18.75 -14.38
C THR A 43 -1.12 19.60 -14.78
N PRO A 44 -1.00 20.38 -15.86
CA PRO A 44 -2.20 21.10 -16.34
C PRO A 44 -3.45 20.19 -16.60
N ARG A 45 -3.24 18.99 -17.14
CA ARG A 45 -4.39 18.12 -17.54
C ARG A 45 -4.66 16.88 -16.66
N TYR A 46 -3.74 16.59 -15.74
CA TYR A 46 -3.77 15.36 -14.97
C TYR A 46 -3.28 15.57 -13.54
N VAL A 47 -4.13 15.29 -12.57
CA VAL A 47 -3.78 15.46 -11.16
C VAL A 47 -4.07 14.17 -10.43
N ALA A 48 -3.13 13.68 -9.62
CA ALA A 48 -3.33 12.52 -8.77
C ALA A 48 -3.17 12.81 -7.30
N PHE A 49 -4.12 12.27 -6.53
CA PHE A 49 -4.10 12.24 -5.06
C PHE A 49 -3.87 10.82 -4.50
N PRO A 50 -3.12 10.70 -3.37
CA PRO A 50 -2.98 9.38 -2.79
C PRO A 50 -4.28 8.80 -2.32
N SER A 51 -4.36 7.49 -2.47
CA SER A 51 -5.50 6.73 -2.02
C SER A 51 -4.86 5.74 -1.00
N SER A 52 -5.35 4.51 -0.91
CA SER A 52 -4.81 3.58 0.02
C SER A 52 -3.59 2.85 -0.55
N GLY A 53 -2.64 2.51 0.32
CA GLY A 53 -1.46 1.83 -0.15
C GLY A 53 -0.78 2.66 -1.21
N ASP A 54 -0.37 2.01 -2.27
CA ASP A 54 0.21 2.71 -3.40
C ASP A 54 -0.82 3.10 -4.48
N ALA A 55 -2.10 3.12 -4.13
CA ALA A 55 -3.12 3.41 -5.12
C ALA A 55 -3.26 4.91 -5.30
N LEU A 56 -3.81 5.27 -6.47
CA LEU A 56 -4.05 6.66 -6.83
C LEU A 56 -5.53 6.97 -7.22
N PHE A 57 -5.97 8.19 -6.88
CA PHE A 57 -7.15 8.86 -7.37
C PHE A 57 -6.74 10.06 -8.26
N ALA A 58 -7.01 9.93 -9.54
CA ALA A 58 -6.62 10.87 -10.57
C ALA A 58 -7.86 11.53 -11.19
N ILE A 59 -7.69 12.79 -11.52
CA ILE A 59 -8.63 13.61 -12.31
C ILE A 59 -7.92 14.01 -13.61
N TRP A 60 -8.62 13.94 -14.72
CA TRP A 60 -8.03 14.08 -16.06
C TRP A 60 -8.98 14.84 -16.98
N SER A 61 -8.54 15.93 -17.58
CA SER A 61 -9.36 16.65 -18.59
C SER A 61 -9.21 16.13 -20.04
N GLY A 62 -8.44 15.08 -20.26
CA GLY A 62 -8.21 14.57 -21.62
C GLY A 62 -9.18 13.47 -22.04
N GLY A 63 -10.19 13.18 -21.20
CA GLY A 63 -11.15 12.16 -21.51
C GLY A 63 -12.32 12.78 -22.26
N GLU A 64 -13.38 12.03 -22.39
CA GLU A 64 -14.67 12.61 -22.81
C GLU A 64 -15.17 13.52 -21.64
N GLU A 65 -15.51 14.76 -21.91
CA GLU A 65 -16.08 15.68 -20.90
C GLU A 65 -17.42 15.24 -20.28
N PRO A 66 -17.52 15.27 -18.92
CA PRO A 66 -18.71 14.85 -18.21
C PRO A 66 -19.83 15.80 -18.34
N VAL A 67 -21.03 15.22 -18.30
CA VAL A 67 -22.28 15.94 -18.41
C VAL A 67 -23.06 15.61 -17.15
N ALA A 68 -23.26 16.64 -16.32
CA ALA A 68 -24.21 16.75 -15.23
C ALA A 68 -25.39 15.73 -15.26
N GLU A 69 -26.26 15.85 -16.29
CA GLU A 69 -27.53 15.14 -16.29
C GLU A 69 -27.47 13.76 -16.99
N ILE A 70 -26.30 13.27 -17.33
CA ILE A 70 -26.21 11.93 -17.88
C ILE A 70 -26.03 10.96 -16.69
N PRO A 71 -26.87 9.91 -16.58
CA PRO A 71 -26.65 9.05 -15.43
C PRO A 71 -25.30 8.30 -15.36
N ARG A 72 -24.87 8.13 -14.13
CA ARG A 72 -23.60 7.49 -13.75
C ARG A 72 -23.79 6.09 -13.17
N PHE A 73 -22.83 5.20 -13.48
CA PHE A 73 -22.94 3.80 -13.08
C PHE A 73 -21.80 3.32 -12.11
N SER A 74 -21.25 4.24 -11.33
CA SER A 74 -20.17 3.95 -10.40
C SER A 74 -20.11 5.06 -9.40
N GLU A 75 -19.38 4.83 -8.34
CA GLU A 75 -19.28 5.84 -7.29
C GLU A 75 -17.86 5.86 -6.77
N ILE A 76 -17.46 7.03 -6.31
CA ILE A 76 -16.22 7.20 -5.58
C ILE A 76 -16.58 6.98 -4.11
N GLY A 77 -16.20 5.86 -3.52
CA GLY A 77 -16.52 5.57 -2.10
C GLY A 77 -15.44 6.02 -1.12
N ILE A 78 -15.88 6.63 0.00
CA ILE A 78 -15.01 6.94 1.13
C ILE A 78 -15.51 6.20 2.37
N MET A 79 -14.72 5.24 2.83
CA MET A 79 -15.08 4.45 4.01
C MET A 79 -14.35 5.02 5.22
N LEU A 80 -15.11 5.52 6.18
CA LEU A 80 -14.64 6.00 7.44
C LEU A 80 -14.85 4.86 8.46
N PRO A 81 -14.27 4.99 9.68
CA PRO A 81 -14.33 3.92 10.72
C PRO A 81 -15.71 3.58 11.29
N THR A 82 -16.54 4.59 11.52
CA THR A 82 -17.87 4.37 12.16
C THR A 82 -18.98 5.26 11.57
N GLY A 83 -20.23 4.82 11.77
CA GLY A 83 -21.40 5.60 11.39
C GLY A 83 -21.37 6.99 12.01
N GLU A 84 -20.79 7.12 13.20
CA GLU A 84 -20.74 8.41 13.89
C GLU A 84 -19.71 9.38 13.29
N ASP A 85 -18.72 8.87 12.54
CA ASP A 85 -17.85 9.74 11.72
C ASP A 85 -18.63 10.25 10.50
N VAL A 86 -19.47 9.39 9.92
CA VAL A 86 -20.25 9.70 8.70
C VAL A 86 -21.18 10.92 8.92
N ASP A 87 -22.05 10.81 9.90
CA ASP A 87 -22.86 11.97 10.34
C ASP A 87 -21.96 13.17 10.60
N LYS A 88 -20.84 12.94 11.27
CA LYS A 88 -19.88 14.01 11.59
C LYS A 88 -19.43 14.71 10.31
N LEU A 89 -18.89 13.93 9.37
CA LEU A 89 -18.36 14.49 8.12
C LEU A 89 -19.39 15.31 7.36
N PHE A 90 -20.67 14.93 7.46
CA PHE A 90 -21.73 15.61 6.69
C PHE A 90 -22.00 17.01 7.21
N ASN A 91 -22.26 17.10 8.50
CA ASN A 91 -22.48 18.39 9.15
C ASN A 91 -21.44 19.40 8.75
N GLU A 92 -20.17 18.99 8.76
CA GLU A 92 -19.06 19.88 8.40
C GLU A 92 -19.18 20.40 6.98
N TRP A 93 -19.38 19.47 6.06
CA TRP A 93 -19.34 19.81 4.66
C TRP A 93 -20.46 20.76 4.25
N THR A 94 -21.70 20.49 4.68
CA THR A 94 -22.82 21.35 4.30
C THR A 94 -22.72 22.69 5.04
N LYS A 95 -22.19 22.63 6.27
CA LYS A 95 -22.01 23.81 7.15
C LYS A 95 -21.10 24.87 6.56
N GLN A 96 -19.93 24.47 6.08
CA GLN A 96 -18.97 25.41 5.50
C GLN A 96 -19.43 26.04 4.15
N LYS A 97 -18.98 27.27 3.90
CA LYS A 97 -19.45 28.14 2.79
C LYS A 97 -18.45 28.29 1.62
N SER A 98 -17.14 28.23 1.92
CA SER A 98 -16.07 28.36 0.90
C SER A 98 -16.34 27.44 -0.31
N HIS A 99 -16.53 26.15 -0.07
CA HIS A 99 -16.72 25.17 -1.16
C HIS A 99 -18.19 24.68 -1.28
N GLN A 100 -18.81 24.92 -2.45
CA GLN A 100 -20.23 24.53 -2.69
C GLN A 100 -20.36 23.02 -2.76
N ILE A 101 -21.20 22.45 -1.89
CA ILE A 101 -21.36 21.00 -1.81
C ILE A 101 -22.77 20.52 -2.21
N ILE A 102 -22.88 19.84 -3.37
CA ILE A 102 -24.17 19.40 -3.92
C ILE A 102 -24.54 18.07 -3.28
N VAL A 103 -25.57 18.10 -2.44
CA VAL A 103 -26.05 16.92 -1.74
C VAL A 103 -26.98 16.17 -2.68
N ILE A 104 -26.68 14.88 -2.87
CA ILE A 104 -27.54 13.97 -3.65
C ILE A 104 -28.51 13.23 -2.72
N LYS A 105 -27.99 12.73 -1.60
CA LYS A 105 -28.81 12.16 -0.52
C LYS A 105 -28.17 12.56 0.80
N GLU A 106 -29.00 13.09 1.69
CA GLU A 106 -28.63 13.37 3.07
C GLU A 106 -28.43 12.04 3.78
N PRO A 107 -27.73 12.05 4.94
CA PRO A 107 -27.46 10.83 5.68
C PRO A 107 -28.71 9.93 5.89
N TYR A 108 -28.56 8.64 5.63
CA TYR A 108 -29.64 7.67 5.78
C TYR A 108 -28.98 6.29 5.98
N THR A 109 -29.77 5.32 6.41
CA THR A 109 -29.30 3.91 6.40
C THR A 109 -29.55 3.19 5.04
N ASP A 110 -28.47 2.61 4.53
CA ASP A 110 -28.48 1.76 3.33
C ASP A 110 -27.75 0.47 3.72
N VAL A 111 -27.49 -0.39 2.72
CA VAL A 111 -26.87 -1.71 2.95
C VAL A 111 -25.44 -1.63 3.56
N PHE A 112 -24.75 -0.50 3.37
CA PHE A 112 -23.42 -0.27 3.90
C PHE A 112 -23.45 0.15 5.35
N GLY A 113 -24.63 0.51 5.85
CA GLY A 113 -24.79 1.24 7.12
C GLY A 113 -25.18 2.70 6.92
N ARG A 114 -24.79 3.54 7.87
CA ARG A 114 -25.00 4.99 7.80
C ARG A 114 -24.20 5.65 6.64
N THR A 115 -24.91 6.04 5.58
CA THR A 115 -24.29 6.58 4.39
C THR A 115 -24.86 7.90 3.94
N PHE A 116 -24.08 8.62 3.11
CA PHE A 116 -24.62 9.75 2.38
C PHE A 116 -23.92 9.88 1.03
N LEU A 117 -24.57 10.63 0.12
CA LEU A 117 -24.07 10.84 -1.25
C LEU A 117 -23.99 12.33 -1.61
N ILE A 118 -22.89 12.70 -2.27
CA ILE A 118 -22.72 14.06 -2.78
C ILE A 118 -22.30 13.99 -4.23
N SER A 119 -22.31 15.11 -4.93
CA SER A 119 -21.82 15.16 -6.30
C SER A 119 -20.57 16.07 -6.41
N ASP A 120 -19.60 15.69 -7.23
CA ASP A 120 -18.49 16.57 -7.45
C ASP A 120 -18.92 17.58 -8.52
N PRO A 121 -18.04 18.51 -8.90
CA PRO A 121 -18.49 19.54 -9.82
C PRO A 121 -18.77 19.03 -11.23
N ASP A 122 -18.46 17.78 -11.52
CA ASP A 122 -18.79 17.25 -12.83
C ASP A 122 -19.88 16.17 -12.73
N GLY A 123 -20.55 16.10 -11.56
CA GLY A 123 -21.59 15.11 -11.33
C GLY A 123 -21.10 13.68 -11.07
N HIS A 124 -19.82 13.48 -10.72
CA HIS A 124 -19.36 12.22 -10.19
C HIS A 124 -19.96 12.03 -8.83
N ILE A 125 -20.43 10.81 -8.55
CA ILE A 125 -21.10 10.54 -7.28
C ILE A 125 -20.07 10.06 -6.24
N ILE A 126 -20.06 10.72 -5.08
CA ILE A 126 -19.19 10.37 -4.00
C ILE A 126 -20.08 9.85 -2.85
N ARG A 127 -19.82 8.63 -2.37
CA ARG A 127 -20.50 8.11 -1.22
C ARG A 127 -19.59 8.06 -0.01
N VAL A 128 -20.06 8.57 1.11
CA VAL A 128 -19.41 8.35 2.40
C VAL A 128 -20.15 7.27 3.20
N CYS A 129 -19.42 6.26 3.72
CA CYS A 129 -20.01 5.15 4.50
C CYS A 129 -19.02 4.64 5.58
N PRO A 130 -19.46 3.73 6.47
CA PRO A 130 -18.58 3.17 7.49
C PRO A 130 -18.02 1.74 7.21
N LEU A 131 -16.74 1.53 7.57
CA LEU A 131 -16.18 0.17 7.69
C LEU A 131 -16.91 -0.56 8.81
N THR B 11 -8.92 10.69 8.57
CA THR B 11 -7.93 10.72 7.43
C THR B 11 -8.55 11.16 6.06
N ILE B 12 -9.55 10.39 5.56
CA ILE B 12 -10.42 10.67 4.37
C ILE B 12 -9.80 10.26 3.03
N THR B 13 -9.99 8.98 2.67
CA THR B 13 -9.40 8.46 1.47
C THR B 13 -10.40 7.72 0.58
N PRO B 14 -10.22 7.85 -0.76
CA PRO B 14 -11.14 7.12 -1.60
C PRO B 14 -10.81 5.63 -1.68
N ASN B 15 -11.21 4.88 -0.67
CA ASN B 15 -10.78 3.48 -0.53
C ASN B 15 -11.85 2.49 -0.95
N LEU B 16 -12.90 2.97 -1.62
CA LEU B 16 -13.95 2.07 -2.12
C LEU B 16 -14.32 2.47 -3.52
N GLN B 17 -13.88 1.73 -4.50
CA GLN B 17 -14.28 2.03 -5.83
C GLN B 17 -15.48 1.10 -6.09
N LEU B 18 -16.63 1.66 -6.45
CA LEU B 18 -17.85 0.89 -6.47
C LEU B 18 -18.50 1.00 -7.86
N VAL B 19 -18.72 -0.15 -8.54
CA VAL B 19 -19.34 -0.17 -9.82
C VAL B 19 -20.64 -0.95 -9.83
N TYR B 20 -21.61 -0.39 -10.55
CA TYR B 20 -22.93 -1.02 -10.72
C TYR B 20 -22.83 -2.08 -11.81
N VAL B 21 -23.38 -3.28 -11.54
CA VAL B 21 -23.34 -4.42 -12.48
C VAL B 21 -24.74 -4.96 -12.62
N SER B 22 -25.03 -5.56 -13.78
CA SER B 22 -26.35 -6.15 -14.00
C SER B 22 -26.40 -7.59 -13.51
N ASN B 23 -25.33 -8.36 -13.71
CA ASN B 23 -25.30 -9.78 -13.32
C ASN B 23 -24.12 -9.97 -12.33
N VAL B 24 -24.42 -10.12 -11.04
CA VAL B 24 -23.36 -10.17 -10.03
C VAL B 24 -22.48 -11.43 -10.21
N GLU B 25 -23.08 -12.57 -10.60
CA GLU B 25 -22.33 -13.81 -10.87
C GLU B 25 -21.33 -13.68 -12.01
N ARG B 26 -21.83 -13.17 -13.13
CA ARG B 26 -20.99 -12.98 -14.32
C ARG B 26 -19.90 -11.95 -14.11
N SER B 27 -20.15 -10.92 -13.33
CA SER B 27 -19.15 -9.88 -13.07
C SER B 27 -18.13 -10.36 -12.03
N THR B 28 -18.61 -11.05 -11.00
CA THR B 28 -17.70 -11.73 -10.04
C THR B 28 -16.73 -12.69 -10.76
N ASP B 29 -17.27 -13.47 -11.68
CA ASP B 29 -16.43 -14.36 -12.44
C ASP B 29 -15.47 -13.61 -13.39
N PHE B 30 -15.92 -12.47 -13.92
CA PHE B 30 -15.05 -11.70 -14.79
C PHE B 30 -13.87 -11.05 -13.99
N TYR B 31 -14.19 -10.47 -12.82
CA TYR B 31 -13.18 -9.81 -12.04
C TYR B 31 -12.26 -10.82 -11.40
N ARG B 32 -12.79 -11.97 -11.01
CA ARG B 32 -11.94 -13.03 -10.50
C ARG B 32 -10.88 -13.33 -11.56
N PHE B 33 -11.27 -13.43 -12.84
CA PHE B 33 -10.31 -13.72 -13.89
C PHE B 33 -9.31 -12.58 -14.15
N ILE B 34 -9.82 -11.36 -14.30
CA ILE B 34 -9.00 -10.15 -14.47
C ILE B 34 -7.97 -9.95 -13.34
N PHE B 35 -8.44 -10.00 -12.12
CA PHE B 35 -7.58 -9.78 -10.95
C PHE B 35 -6.78 -11.00 -10.49
N LYS B 36 -7.13 -12.19 -10.99
CA LYS B 36 -6.58 -13.44 -10.49
C LYS B 36 -6.68 -13.56 -8.96
N LYS B 37 -7.82 -13.14 -8.40
CA LYS B 37 -8.05 -13.13 -6.95
C LYS B 37 -9.51 -13.45 -6.64
N GLU B 38 -9.70 -14.14 -5.52
CA GLU B 38 -11.03 -14.38 -4.98
C GLU B 38 -11.61 -13.07 -4.41
N PRO B 39 -12.92 -12.92 -4.38
CA PRO B 39 -13.48 -11.85 -3.59
C PRO B 39 -13.25 -12.10 -2.09
N VAL B 40 -13.05 -11.03 -1.32
CA VAL B 40 -12.95 -11.18 0.15
C VAL B 40 -14.32 -11.06 0.80
N PHE B 41 -15.30 -10.56 0.07
CA PHE B 41 -16.65 -10.46 0.59
CA PHE B 41 -16.67 -10.46 0.59
C PHE B 41 -17.63 -10.80 -0.55
N VAL B 42 -18.52 -11.80 -0.32
CA VAL B 42 -19.58 -12.15 -1.28
C VAL B 42 -20.96 -12.19 -0.59
N THR B 43 -21.93 -11.51 -1.18
CA THR B 43 -23.32 -11.63 -0.83
C THR B 43 -24.06 -11.60 -2.16
N PRO B 44 -25.36 -11.95 -2.21
CA PRO B 44 -26.00 -12.07 -3.53
C PRO B 44 -25.98 -10.79 -4.38
N ARG B 45 -26.01 -9.62 -3.76
CA ARG B 45 -26.10 -8.38 -4.54
C ARG B 45 -24.83 -7.52 -4.48
N TYR B 46 -23.85 -7.91 -3.66
CA TYR B 46 -22.70 -7.06 -3.40
C TYR B 46 -21.53 -7.93 -3.14
N VAL B 47 -20.52 -7.78 -3.98
CA VAL B 47 -19.23 -8.52 -3.90
C VAL B 47 -18.08 -7.48 -3.88
N ALA B 48 -17.11 -7.68 -2.99
CA ALA B 48 -15.91 -6.79 -2.89
C ALA B 48 -14.65 -7.62 -3.16
N PHE B 49 -13.74 -7.10 -3.99
CA PHE B 49 -12.38 -7.68 -4.22
C PHE B 49 -11.36 -6.81 -3.55
N PRO B 50 -10.26 -7.42 -3.07
CA PRO B 50 -9.20 -6.55 -2.48
C PRO B 50 -8.63 -5.60 -3.47
N SER B 51 -8.24 -4.45 -2.97
CA SER B 51 -7.52 -3.50 -3.79
C SER B 51 -6.24 -3.23 -3.04
N SER B 52 -5.74 -2.02 -3.13
CA SER B 52 -4.49 -1.70 -2.49
C SER B 52 -4.74 -1.37 -1.00
N GLY B 53 -3.93 -1.91 -0.09
CA GLY B 53 -4.15 -1.61 1.32
C GLY B 53 -5.52 -2.04 1.84
N ASP B 54 -6.12 -1.22 2.69
CA ASP B 54 -7.44 -1.55 3.23
C ASP B 54 -8.58 -1.09 2.26
N ALA B 55 -8.29 -1.03 0.96
CA ALA B 55 -9.23 -0.50 -0.02
C ALA B 55 -9.92 -1.64 -0.77
N LEU B 56 -11.07 -1.35 -1.31
CA LEU B 56 -11.88 -2.37 -1.94
C LEU B 56 -12.33 -1.93 -3.31
N PHE B 57 -12.48 -2.91 -4.17
CA PHE B 57 -13.17 -2.70 -5.44
C PHE B 57 -14.45 -3.60 -5.35
N ALA B 58 -15.59 -2.94 -5.45
CA ALA B 58 -16.86 -3.54 -5.17
C ALA B 58 -17.73 -3.47 -6.43
N ILE B 59 -18.48 -4.56 -6.65
CA ILE B 59 -19.53 -4.65 -7.66
C ILE B 59 -20.85 -4.80 -7.00
N TRP B 60 -21.87 -4.11 -7.49
CA TRP B 60 -23.12 -3.97 -6.76
C TRP B 60 -24.30 -3.91 -7.75
N SER B 61 -25.34 -4.74 -7.54
CA SER B 61 -26.63 -4.58 -8.28
C SER B 61 -27.68 -3.73 -7.55
N GLY B 62 -27.29 -3.03 -6.49
CA GLY B 62 -28.24 -2.20 -5.69
C GLY B 62 -28.34 -0.72 -6.08
N GLY B 63 -27.54 -0.28 -7.07
CA GLY B 63 -27.67 1.11 -7.67
C GLY B 63 -28.65 1.20 -8.86
N GLU B 64 -28.17 1.33 -10.09
CA GLU B 64 -29.02 1.31 -11.31
C GLU B 64 -28.33 0.39 -12.34
N GLU B 65 -29.06 -0.18 -13.28
CA GLU B 65 -28.45 -1.11 -14.22
C GLU B 65 -27.67 -0.39 -15.36
N PRO B 66 -26.36 -0.66 -15.53
CA PRO B 66 -25.64 0.06 -16.63
C PRO B 66 -26.19 -0.21 -18.04
N VAL B 67 -26.04 0.81 -18.91
CA VAL B 67 -26.61 0.84 -20.21
C VAL B 67 -25.43 1.02 -21.16
N ALA B 68 -25.30 0.11 -22.13
CA ALA B 68 -24.14 0.08 -23.05
C ALA B 68 -23.99 1.37 -23.85
N GLU B 69 -25.10 1.91 -24.33
CA GLU B 69 -25.07 3.12 -25.12
C GLU B 69 -24.80 4.45 -24.33
N ILE B 70 -24.89 4.45 -23.01
CA ILE B 70 -24.61 5.60 -22.18
C ILE B 70 -23.10 5.82 -21.95
N PRO B 71 -22.56 6.98 -22.34
CA PRO B 71 -21.12 7.15 -22.21
C PRO B 71 -20.67 7.24 -20.75
N ARG B 72 -19.47 6.73 -20.53
CA ARG B 72 -18.87 6.67 -19.17
C ARG B 72 -17.82 7.72 -19.05
N PHE B 73 -17.73 8.25 -17.86
CA PHE B 73 -16.89 9.42 -17.56
C PHE B 73 -15.81 9.04 -16.51
N SER B 74 -15.45 7.77 -16.44
CA SER B 74 -14.42 7.30 -15.51
C SER B 74 -13.85 6.01 -15.94
N GLU B 75 -12.70 5.64 -15.37
CA GLU B 75 -12.05 4.39 -15.72
C GLU B 75 -11.57 3.64 -14.46
N ILE B 76 -11.54 2.30 -14.57
CA ILE B 76 -10.95 1.38 -13.61
C ILE B 76 -9.56 1.20 -14.11
N GLY B 77 -8.64 1.85 -13.43
CA GLY B 77 -7.22 1.82 -13.79
C GLY B 77 -6.44 0.72 -13.05
N ILE B 78 -5.62 0.00 -13.80
CA ILE B 78 -4.82 -1.11 -13.31
C ILE B 78 -3.37 -0.77 -13.68
N MET B 79 -2.59 -0.34 -12.67
CA MET B 79 -1.18 0.03 -12.89
C MET B 79 -0.25 -1.17 -12.56
N LEU B 80 0.42 -1.69 -13.57
CA LEU B 80 1.42 -2.75 -13.44
C LEU B 80 2.81 -2.09 -13.45
N PRO B 81 3.87 -2.84 -13.06
CA PRO B 81 5.17 -2.21 -12.89
C PRO B 81 5.74 -1.58 -14.17
N THR B 82 5.66 -2.28 -15.30
CA THR B 82 6.39 -1.86 -16.53
C THR B 82 5.53 -2.00 -17.79
N GLY B 83 5.90 -1.26 -18.84
CA GLY B 83 5.23 -1.37 -20.14
C GLY B 83 5.27 -2.75 -20.76
N GLU B 84 6.31 -3.51 -20.45
CA GLU B 84 6.44 -4.91 -20.83
C GLU B 84 5.37 -5.80 -20.17
N ASP B 85 5.08 -5.57 -18.89
CA ASP B 85 4.01 -6.31 -18.19
C ASP B 85 2.62 -6.12 -18.82
N VAL B 86 2.39 -4.90 -19.35
CA VAL B 86 1.15 -4.52 -20.07
C VAL B 86 0.89 -5.34 -21.36
N ASP B 87 1.86 -5.38 -22.28
CA ASP B 87 1.66 -6.12 -23.54
C ASP B 87 1.50 -7.62 -23.33
N LYS B 88 2.39 -8.23 -22.54
CA LYS B 88 2.25 -9.64 -22.21
C LYS B 88 0.98 -9.91 -21.34
N LEU B 89 0.40 -8.87 -20.70
CA LEU B 89 -0.95 -9.01 -20.11
C LEU B 89 -2.09 -8.88 -21.13
N PHE B 90 -1.91 -8.06 -22.17
CA PHE B 90 -2.82 -8.04 -23.33
C PHE B 90 -2.73 -9.34 -24.16
N ASN B 91 -1.52 -9.81 -24.44
CA ASN B 91 -1.37 -11.06 -25.20
C ASN B 91 -2.11 -12.20 -24.47
N GLU B 92 -1.78 -12.39 -23.19
CA GLU B 92 -2.40 -13.44 -22.35
C GLU B 92 -3.95 -13.31 -22.26
N TRP B 93 -4.48 -12.09 -22.23
CA TRP B 93 -5.93 -11.86 -22.12
C TRP B 93 -6.72 -12.09 -23.38
N THR B 94 -6.13 -11.74 -24.51
CA THR B 94 -6.80 -11.90 -25.81
C THR B 94 -6.53 -13.25 -26.47
N LYS B 95 -5.46 -13.93 -26.04
CA LYS B 95 -5.17 -15.28 -26.51
C LYS B 95 -6.21 -16.25 -25.94
N GLN B 96 -6.36 -16.29 -24.63
CA GLN B 96 -7.39 -17.16 -24.00
C GLN B 96 -8.84 -16.93 -24.52
N LYS B 97 -9.53 -18.05 -24.80
CA LYS B 97 -10.91 -18.05 -25.32
C LYS B 97 -12.00 -17.89 -24.22
N SER B 98 -11.77 -18.48 -23.04
CA SER B 98 -12.84 -18.75 -22.04
C SER B 98 -13.68 -17.56 -21.58
N HIS B 99 -13.08 -16.37 -21.57
CA HIS B 99 -13.74 -15.16 -21.10
C HIS B 99 -13.76 -14.10 -22.22
N GLN B 100 -14.92 -13.47 -22.42
CA GLN B 100 -15.07 -12.37 -23.36
C GLN B 100 -14.28 -11.10 -22.92
N ILE B 101 -13.18 -10.81 -23.62
CA ILE B 101 -12.44 -9.58 -23.44
C ILE B 101 -12.74 -8.64 -24.63
N ILE B 102 -13.54 -7.61 -24.39
CA ILE B 102 -13.88 -6.61 -25.43
C ILE B 102 -12.82 -5.53 -25.48
N VAL B 103 -12.10 -5.44 -26.58
CA VAL B 103 -11.02 -4.45 -26.74
C VAL B 103 -11.59 -3.10 -27.18
N ILE B 104 -11.14 -2.03 -26.51
CA ILE B 104 -11.54 -0.66 -26.84
C ILE B 104 -10.37 0.02 -27.55
N LYS B 105 -9.18 -0.19 -27.02
CA LYS B 105 -7.93 0.26 -27.61
C LYS B 105 -6.91 -0.82 -27.37
N GLU B 106 -6.36 -1.39 -28.46
CA GLU B 106 -5.20 -2.26 -28.36
C GLU B 106 -3.98 -1.44 -27.94
N PRO B 107 -2.96 -2.11 -27.36
CA PRO B 107 -1.87 -1.39 -26.72
C PRO B 107 -1.25 -0.26 -27.56
N TYR B 108 -1.05 0.89 -26.94
CA TYR B 108 -0.44 2.05 -27.58
C TYR B 108 0.37 2.81 -26.53
N THR B 109 0.94 3.97 -26.87
CA THR B 109 1.76 4.76 -25.92
C THR B 109 1.03 6.08 -25.56
N ASP B 110 0.70 6.27 -24.28
CA ASP B 110 0.20 7.56 -23.77
C ASP B 110 1.37 8.26 -23.02
N VAL B 111 1.08 9.38 -22.34
CA VAL B 111 2.08 10.11 -21.50
C VAL B 111 2.77 9.25 -20.38
N PHE B 112 2.03 8.29 -19.82
CA PHE B 112 2.52 7.34 -18.81
C PHE B 112 3.18 6.11 -19.42
N GLY B 113 2.81 5.81 -20.68
CA GLY B 113 3.51 4.82 -21.47
C GLY B 113 2.57 3.76 -21.98
N ARG B 114 3.08 2.54 -22.07
CA ARG B 114 2.37 1.42 -22.65
C ARG B 114 0.97 1.17 -22.02
N THR B 115 -0.09 1.42 -22.78
CA THR B 115 -1.48 1.37 -22.24
C THR B 115 -2.41 0.56 -23.11
N PHE B 116 -3.48 0.05 -22.53
CA PHE B 116 -4.59 -0.41 -23.32
C PHE B 116 -5.87 -0.29 -22.60
N LEU B 117 -6.96 -0.45 -23.33
CA LEU B 117 -8.31 -0.30 -22.76
C LEU B 117 -9.27 -1.45 -23.15
N ILE B 118 -9.94 -2.06 -22.15
CA ILE B 118 -10.99 -3.06 -22.35
C ILE B 118 -12.27 -2.59 -21.63
N SER B 119 -13.38 -3.19 -22.02
CA SER B 119 -14.66 -2.86 -21.45
C SER B 119 -15.11 -4.11 -20.66
N ASP B 120 -15.66 -3.92 -19.45
CA ASP B 120 -16.11 -5.07 -18.62
C ASP B 120 -17.50 -5.39 -19.14
N PRO B 121 -18.16 -6.45 -18.64
CA PRO B 121 -19.49 -6.84 -19.19
C PRO B 121 -20.56 -5.74 -19.21
N ASP B 122 -20.50 -4.80 -18.28
CA ASP B 122 -21.51 -3.70 -18.21
C ASP B 122 -20.97 -2.38 -18.72
N GLY B 123 -20.00 -2.42 -19.63
CA GLY B 123 -19.42 -1.20 -20.20
C GLY B 123 -18.49 -0.34 -19.34
N HIS B 124 -18.08 -0.80 -18.17
CA HIS B 124 -17.11 -0.06 -17.40
C HIS B 124 -15.74 -0.18 -18.09
N ILE B 125 -15.07 0.94 -18.20
CA ILE B 125 -13.85 1.02 -18.97
C ILE B 125 -12.70 0.66 -18.00
N ILE B 126 -11.83 -0.24 -18.44
CA ILE B 126 -10.73 -0.66 -17.64
C ILE B 126 -9.49 -0.27 -18.41
N ARG B 127 -8.60 0.44 -17.78
CA ARG B 127 -7.39 0.83 -18.45
C ARG B 127 -6.23 0.15 -17.75
N VAL B 128 -5.41 -0.58 -18.50
CA VAL B 128 -4.17 -1.15 -17.98
C VAL B 128 -2.98 -0.26 -18.36
N CYS B 129 -2.06 0.02 -17.45
CA CYS B 129 -0.95 0.93 -17.76
C CYS B 129 0.24 0.72 -16.84
N PRO B 130 1.41 1.30 -17.17
CA PRO B 130 2.63 1.08 -16.37
C PRO B 130 2.66 2.02 -15.16
N LEU B 131 3.42 1.67 -14.10
CA LEU B 131 3.37 2.45 -12.85
C LEU B 131 3.99 3.87 -13.04
N ASP B 132 3.08 4.89 -12.91
CA ASP B 132 3.39 6.32 -13.19
C ASP B 132 4.16 7.05 -12.06
N GLY C 9 -11.52 -10.18 9.90
CA GLY C 9 -10.51 -9.67 10.87
C GLY C 9 -9.48 -8.69 10.30
N PRO C 10 -8.58 -8.16 11.17
CA PRO C 10 -7.53 -7.24 10.76
C PRO C 10 -6.39 -7.91 9.99
N THR C 11 -5.92 -7.25 8.92
CA THR C 11 -4.81 -7.73 8.09
C THR C 11 -3.55 -7.62 8.94
N ILE C 12 -2.67 -8.62 8.89
CA ILE C 12 -1.48 -8.61 9.75
C ILE C 12 -0.29 -8.49 8.85
N THR C 13 0.37 -7.35 8.89
CA THR C 13 1.38 -7.02 7.92
C THR C 13 2.58 -6.50 8.63
N PRO C 14 3.77 -6.93 8.21
CA PRO C 14 5.00 -6.31 8.73
C PRO C 14 5.22 -4.91 8.15
N ASN C 15 4.51 -3.91 8.64
CA ASN C 15 4.43 -2.61 8.00
C ASN C 15 5.14 -1.52 8.78
N LEU C 16 6.01 -1.95 9.72
CA LEU C 16 6.86 -1.10 10.49
C LEU C 16 8.26 -1.76 10.63
N GLN C 17 9.29 -1.09 10.15
CA GLN C 17 10.62 -1.49 10.32
C GLN C 17 11.14 -0.45 11.26
N LEU C 18 11.40 -0.86 12.48
CA LEU C 18 11.86 0.03 13.52
C LEU C 18 13.32 -0.20 13.93
N VAL C 19 14.11 0.88 14.01
CA VAL C 19 15.51 0.77 14.42
C VAL C 19 15.85 1.69 15.58
N TYR C 20 16.63 1.16 16.51
CA TYR C 20 17.09 1.93 17.68
C TYR C 20 18.22 2.85 17.29
N VAL C 21 18.17 4.08 17.80
CA VAL C 21 19.20 5.09 17.52
C VAL C 21 19.60 5.78 18.79
N SER C 22 20.88 6.18 18.86
CA SER C 22 21.43 6.90 19.99
C SER C 22 21.13 8.38 19.90
N ASN C 23 20.92 8.90 18.70
CA ASN C 23 20.68 10.33 18.57
C ASN C 23 19.72 10.58 17.43
N VAL C 24 18.48 10.93 17.79
CA VAL C 24 17.37 11.04 16.82
C VAL C 24 17.61 12.20 15.81
N GLU C 25 18.18 13.31 16.26
CA GLU C 25 18.43 14.41 15.34
C GLU C 25 19.44 14.01 14.28
N ARG C 26 20.53 13.34 14.66
CA ARG C 26 21.51 12.94 13.66
C ARG C 26 20.96 11.83 12.77
N SER C 27 20.22 10.89 13.31
CA SER C 27 19.67 9.86 12.44
C SER C 27 18.55 10.37 11.51
N THR C 28 17.71 11.28 11.99
CA THR C 28 16.76 12.02 11.16
C THR C 28 17.48 12.63 9.95
N ASP C 29 18.56 13.35 10.23
CA ASP C 29 19.31 14.02 9.18
C ASP C 29 19.89 13.00 8.18
N PHE C 30 20.36 11.85 8.70
CA PHE C 30 21.00 10.83 7.88
C PHE C 30 19.95 10.25 6.92
N TYR C 31 18.82 9.87 7.45
CA TYR C 31 17.77 9.19 6.72
C TYR C 31 17.00 10.19 5.78
N ARG C 32 16.90 11.47 6.15
CA ARG C 32 16.37 12.51 5.24
C ARG C 32 17.24 12.49 4.02
N PHE C 33 18.56 12.42 4.20
CA PHE C 33 19.48 12.40 3.05
C PHE C 33 19.43 11.12 2.20
N ILE C 34 19.39 9.98 2.87
CA ILE C 34 19.39 8.67 2.22
C ILE C 34 18.08 8.56 1.45
N PHE C 35 16.95 8.86 2.09
CA PHE C 35 15.66 8.68 1.39
C PHE C 35 15.26 9.84 0.44
N LYS C 36 15.89 10.99 0.59
CA LYS C 36 15.51 12.22 -0.11
C LYS C 36 14.03 12.54 0.16
N LYS C 37 13.62 12.33 1.42
CA LYS C 37 12.23 12.49 1.88
C LYS C 37 12.17 12.98 3.29
N GLU C 38 11.06 13.57 3.61
CA GLU C 38 10.81 14.14 4.91
C GLU C 38 10.19 12.98 5.72
N PRO C 39 10.39 13.02 7.06
CA PRO C 39 9.75 12.06 7.95
C PRO C 39 8.27 12.37 7.95
N VAL C 40 7.38 11.38 7.92
CA VAL C 40 5.97 11.70 8.07
C VAL C 40 5.55 12.04 9.49
N PHE C 41 6.33 11.65 10.51
CA PHE C 41 6.19 12.33 11.79
C PHE C 41 7.37 12.30 12.73
N VAL C 42 7.32 13.23 13.68
CA VAL C 42 8.46 13.72 14.36
C VAL C 42 8.11 13.89 15.84
N THR C 43 8.84 13.22 16.72
CA THR C 43 8.87 13.60 18.14
C THR C 43 10.35 13.61 18.58
N PRO C 44 10.64 14.14 19.80
CA PRO C 44 12.03 14.09 20.26
C PRO C 44 12.59 12.67 20.33
N ARG C 45 11.75 11.63 20.55
CA ARG C 45 12.25 10.27 20.72
C ARG C 45 11.99 9.29 19.57
N TYR C 46 11.09 9.63 18.68
CA TYR C 46 10.58 8.72 17.67
C TYR C 46 10.22 9.49 16.42
N VAL C 47 10.82 9.08 15.30
CA VAL C 47 10.60 9.74 14.03
C VAL C 47 10.26 8.65 13.02
N ALA C 48 9.18 8.80 12.27
CA ALA C 48 8.93 7.83 11.19
C ALA C 48 9.01 8.49 9.81
N PHE C 49 9.61 7.72 8.92
CA PHE C 49 9.65 8.00 7.47
C PHE C 49 8.73 7.06 6.67
N PRO C 50 8.11 7.55 5.57
CA PRO C 50 7.29 6.64 4.79
C PRO C 50 8.12 5.60 4.05
N SER C 51 7.62 4.37 4.02
CA SER C 51 8.17 3.31 3.20
C SER C 51 7.12 3.15 2.09
N SER C 52 6.97 1.94 1.51
CA SER C 52 5.98 1.70 0.46
C SER C 52 4.58 1.67 1.00
N GLY C 53 3.64 2.13 0.20
CA GLY C 53 2.25 2.09 0.60
C GLY C 53 2.10 2.79 1.92
N ASP C 54 1.51 2.13 2.89
CA ASP C 54 1.28 2.75 4.19
C ASP C 54 2.28 2.23 5.24
N ALA C 55 3.38 1.66 4.79
CA ALA C 55 4.33 1.10 5.67
C ALA C 55 5.21 2.26 6.15
N LEU C 56 5.90 2.05 7.26
CA LEU C 56 6.77 3.05 7.83
C LEU C 56 8.12 2.47 8.18
N PHE C 57 9.12 3.38 8.15
CA PHE C 57 10.43 3.16 8.70
C PHE C 57 10.62 4.16 9.82
N ALA C 58 10.91 3.69 11.03
CA ALA C 58 11.00 4.55 12.22
C ALA C 58 12.37 4.35 12.93
N ILE C 59 12.82 5.43 13.55
CA ILE C 59 14.01 5.50 14.35
C ILE C 59 13.56 5.87 15.72
N TRP C 60 14.09 5.19 16.73
CA TRP C 60 13.63 5.34 18.06
C TRP C 60 14.83 5.27 19.04
N SER C 61 14.94 6.24 19.92
CA SER C 61 15.97 6.30 20.94
C SER C 61 15.46 5.75 22.28
N GLY C 62 14.26 5.19 22.26
CA GLY C 62 13.63 4.67 23.46
C GLY C 62 13.79 3.19 23.76
N GLY C 63 14.40 2.44 22.86
CA GLY C 63 14.84 1.08 23.15
C GLY C 63 16.22 1.06 23.78
N GLU C 64 17.08 0.14 23.35
CA GLU C 64 18.48 0.02 23.85
C GLU C 64 19.40 0.75 22.87
N GLU C 65 20.49 1.30 23.39
CA GLU C 65 21.38 2.06 22.57
C GLU C 65 22.28 1.15 21.77
N PRO C 66 22.36 1.36 20.44
CA PRO C 66 23.05 0.34 19.68
C PRO C 66 24.56 0.30 19.96
N VAL C 67 25.19 -0.86 19.79
CA VAL C 67 26.57 -1.03 20.19
C VAL C 67 27.26 -1.35 18.89
N ALA C 68 28.28 -0.53 18.54
CA ALA C 68 28.86 -0.55 17.20
C ALA C 68 29.52 -1.90 16.87
N GLU C 69 30.13 -2.51 17.84
CA GLU C 69 30.82 -3.75 17.57
C GLU C 69 29.94 -5.01 17.64
N ILE C 70 28.66 -4.88 17.94
CA ILE C 70 27.80 -6.04 18.11
C ILE C 70 27.28 -6.41 16.73
N PRO C 71 27.43 -7.67 16.37
CA PRO C 71 26.98 -8.01 15.04
C PRO C 71 25.46 -7.98 14.93
N ARG C 72 25.02 -7.67 13.73
CA ARG C 72 23.64 -7.46 13.47
C ARG C 72 23.13 -8.57 12.58
N PHE C 73 21.85 -8.88 12.72
CA PHE C 73 21.25 -10.03 12.10
C PHE C 73 20.04 -9.67 11.25
N SER C 74 19.98 -8.41 10.85
CA SER C 74 18.95 -7.97 9.92
C SER C 74 19.46 -6.78 9.08
N GLU C 75 18.73 -6.46 8.01
CA GLU C 75 19.17 -5.41 7.01
C GLU C 75 17.97 -4.54 6.60
N ILE C 76 18.20 -3.23 6.49
CA ILE C 76 17.24 -2.28 5.92
C ILE C 76 17.54 -2.30 4.42
N GLY C 77 16.65 -2.89 3.64
CA GLY C 77 16.86 -3.05 2.26
C GLY C 77 16.13 -1.99 1.44
N ILE C 78 16.83 -1.49 0.42
CA ILE C 78 16.35 -0.47 -0.46
C ILE C 78 16.45 -1.11 -1.83
N MET C 79 15.32 -1.43 -2.43
CA MET C 79 15.31 -2.10 -3.70
C MET C 79 14.99 -1.06 -4.80
N LEU C 80 15.90 -0.95 -5.78
CA LEU C 80 15.78 -0.02 -6.89
C LEU C 80 15.37 -0.81 -8.16
N PRO C 81 14.90 -0.11 -9.23
CA PRO C 81 14.54 -0.80 -10.49
C PRO C 81 15.63 -1.78 -11.04
N THR C 82 16.83 -1.28 -11.35
CA THR C 82 17.92 -2.09 -11.93
C THR C 82 19.28 -1.90 -11.27
N GLY C 83 20.22 -2.74 -11.70
CA GLY C 83 21.64 -2.69 -11.32
C GLY C 83 22.38 -1.40 -11.64
N GLU C 84 22.07 -0.78 -12.78
CA GLU C 84 22.71 0.48 -13.17
C GLU C 84 22.33 1.54 -12.10
N ASP C 85 21.09 1.49 -11.63
CA ASP C 85 20.61 2.39 -10.57
C ASP C 85 21.39 2.21 -9.28
N VAL C 86 21.66 0.94 -8.93
CA VAL C 86 22.46 0.62 -7.77
C VAL C 86 23.85 1.24 -7.86
N ASP C 87 24.53 1.04 -8.98
CA ASP C 87 25.82 1.71 -9.21
C ASP C 87 25.75 3.25 -9.21
N LYS C 88 24.65 3.85 -9.67
CA LYS C 88 24.60 5.33 -9.79
C LYS C 88 24.45 5.89 -8.36
N LEU C 89 23.58 5.27 -7.57
CA LEU C 89 23.41 5.67 -6.17
C LEU C 89 24.70 5.53 -5.34
N PHE C 90 25.41 4.45 -5.52
CA PHE C 90 26.67 4.29 -4.83
C PHE C 90 27.70 5.36 -5.22
N ASN C 91 27.77 5.69 -6.49
CA ASN C 91 28.67 6.79 -6.91
C ASN C 91 28.19 8.10 -6.27
N GLU C 92 26.90 8.39 -6.48
CA GLU C 92 26.27 9.54 -5.89
C GLU C 92 26.58 9.65 -4.37
N TRP C 93 26.38 8.57 -3.62
CA TRP C 93 26.57 8.60 -2.15
C TRP C 93 28.00 8.76 -1.67
N THR C 94 28.93 8.25 -2.46
CA THR C 94 30.36 8.25 -2.11
C THR C 94 31.03 9.49 -2.58
N LYS C 95 30.58 10.07 -3.69
CA LYS C 95 31.14 11.33 -4.25
C LYS C 95 30.87 12.58 -3.36
N GLN C 96 29.71 12.64 -2.68
CA GLN C 96 29.36 13.75 -1.78
C GLN C 96 29.97 13.62 -0.33
N LYS C 97 30.21 14.77 0.30
CA LYS C 97 30.93 14.83 1.60
C LYS C 97 30.13 15.39 2.83
N SER C 98 28.89 15.84 2.61
CA SER C 98 28.07 16.41 3.69
C SER C 98 27.64 15.35 4.68
N HIS C 99 27.27 14.19 4.14
CA HIS C 99 26.85 13.08 4.89
C HIS C 99 27.89 12.00 4.67
N GLN C 100 28.59 11.70 5.76
CA GLN C 100 29.70 10.76 5.76
C GLN C 100 29.09 9.39 5.73
N ILE C 101 29.33 8.69 4.62
CA ILE C 101 28.72 7.43 4.31
C ILE C 101 29.73 6.31 4.42
N ILE C 102 29.47 5.42 5.39
CA ILE C 102 30.35 4.30 5.71
C ILE C 102 29.95 3.14 4.83
N VAL C 103 30.87 2.67 3.99
CA VAL C 103 30.66 1.55 3.08
C VAL C 103 31.08 0.23 3.77
N ILE C 104 30.19 -0.78 3.81
CA ILE C 104 30.54 -2.11 4.33
C ILE C 104 31.06 -2.96 3.19
N LYS C 105 30.25 -3.17 2.15
CA LYS C 105 30.71 -3.81 0.90
C LYS C 105 30.46 -2.90 -0.26
N GLU C 106 31.52 -2.60 -1.00
CA GLU C 106 31.39 -1.90 -2.29
C GLU C 106 30.49 -2.72 -3.25
N PRO C 107 30.05 -2.10 -4.37
CA PRO C 107 29.12 -2.83 -5.24
C PRO C 107 29.69 -4.15 -5.80
N TYR C 108 28.97 -5.24 -5.56
CA TYR C 108 29.36 -6.54 -6.06
C TYR C 108 28.10 -7.29 -6.51
N THR C 109 28.24 -8.54 -6.95
CA THR C 109 27.07 -9.39 -7.26
C THR C 109 26.82 -10.51 -6.22
N ASP C 110 25.62 -10.50 -5.64
CA ASP C 110 25.18 -11.51 -4.69
C ASP C 110 24.03 -12.27 -5.39
N VAL C 111 23.13 -12.87 -4.58
CA VAL C 111 21.90 -13.51 -5.08
C VAL C 111 20.85 -12.46 -5.51
N PHE C 112 20.88 -11.29 -4.87
CA PHE C 112 20.07 -10.14 -5.30
C PHE C 112 20.49 -9.60 -6.71
N GLY C 113 21.71 -9.94 -7.15
CA GLY C 113 22.35 -9.26 -8.28
C GLY C 113 23.18 -8.10 -7.73
N ARG C 114 23.18 -7.00 -8.46
CA ARG C 114 24.06 -5.87 -8.18
C ARG C 114 23.69 -5.24 -6.84
N THR C 115 24.53 -5.37 -5.83
CA THR C 115 24.22 -4.90 -4.48
C THR C 115 25.40 -4.21 -3.77
N PHE C 116 25.11 -3.43 -2.73
CA PHE C 116 26.13 -2.87 -1.87
C PHE C 116 25.57 -2.62 -0.51
N LEU C 117 26.43 -2.48 0.48
CA LEU C 117 26.02 -2.34 1.82
C LEU C 117 26.70 -1.14 2.47
N ILE C 118 25.94 -0.43 3.25
CA ILE C 118 26.48 0.68 4.02
C ILE C 118 25.91 0.55 5.40
N SER C 119 26.44 1.37 6.30
CA SER C 119 26.12 1.28 7.69
C SER C 119 25.50 2.60 8.10
N ASP C 120 24.46 2.63 8.91
CA ASP C 120 23.98 3.95 9.37
C ASP C 120 24.83 4.41 10.59
N PRO C 121 24.53 5.59 11.17
CA PRO C 121 25.29 6.06 12.30
C PRO C 121 25.37 5.10 13.49
N ASP C 122 24.44 4.19 13.63
CA ASP C 122 24.41 3.28 14.78
C ASP C 122 24.61 1.84 14.31
N GLY C 123 25.21 1.65 13.15
CA GLY C 123 25.55 0.31 12.68
C GLY C 123 24.43 -0.52 12.10
N HIS C 124 23.24 0.03 11.91
CA HIS C 124 22.27 -0.67 11.12
C HIS C 124 22.86 -0.85 9.71
N ILE C 125 22.74 -2.07 9.19
CA ILE C 125 23.18 -2.40 7.87
C ILE C 125 22.09 -2.00 6.88
N ILE C 126 22.47 -1.27 5.84
CA ILE C 126 21.61 -0.84 4.78
C ILE C 126 22.09 -1.48 3.49
N ARG C 127 21.23 -2.24 2.86
CA ARG C 127 21.55 -2.84 1.59
C ARG C 127 20.75 -2.15 0.48
N VAL C 128 21.43 -1.80 -0.60
CA VAL C 128 20.81 -1.34 -1.84
C VAL C 128 21.01 -2.47 -2.86
N CYS C 129 19.94 -2.88 -3.50
CA CYS C 129 19.97 -3.99 -4.46
C CYS C 129 18.90 -3.69 -5.50
N PRO C 130 18.87 -4.44 -6.62
CA PRO C 130 17.85 -4.19 -7.63
C PRO C 130 16.60 -4.97 -7.32
N LEU C 131 15.48 -4.55 -7.93
CA LEU C 131 14.20 -5.26 -7.79
C LEU C 131 14.21 -6.51 -8.65
N ASP C 132 14.77 -6.40 -9.86
CA ASP C 132 14.33 -7.22 -11.01
C ASP C 132 14.47 -8.76 -10.89
N GLY D 9 11.44 10.92 -11.48
CA GLY D 9 12.54 10.62 -10.53
C GLY D 9 12.42 9.29 -9.75
N PRO D 10 13.57 8.61 -9.51
CA PRO D 10 13.59 7.32 -8.81
C PRO D 10 13.41 7.41 -7.31
N THR D 11 12.36 6.76 -6.81
CA THR D 11 12.11 6.66 -5.42
C THR D 11 13.21 5.85 -4.69
N ILE D 12 13.61 6.31 -3.52
CA ILE D 12 14.51 5.54 -2.64
C ILE D 12 13.64 5.19 -1.44
N THR D 13 13.34 3.93 -1.23
CA THR D 13 12.34 3.60 -0.28
C THR D 13 12.87 2.38 0.47
N PRO D 14 12.82 2.37 1.85
CA PRO D 14 13.29 1.23 2.55
C PRO D 14 12.22 0.15 2.47
N ASN D 15 12.14 -0.50 1.31
CA ASN D 15 11.01 -1.35 0.96
C ASN D 15 11.29 -2.86 1.11
N LEU D 16 12.37 -3.21 1.79
CA LEU D 16 12.73 -4.61 2.04
C LEU D 16 13.31 -4.71 3.45
N GLN D 17 12.58 -5.34 4.35
CA GLN D 17 13.01 -5.68 5.69
C GLN D 17 13.51 -7.13 5.62
N LEU D 18 14.83 -7.28 5.79
CA LEU D 18 15.45 -8.57 5.65
C LEU D 18 15.98 -9.08 6.99
N VAL D 19 15.49 -10.24 7.45
CA VAL D 19 16.04 -10.90 8.61
C VAL D 19 16.76 -12.21 8.30
N TYR D 20 17.89 -12.44 8.98
CA TYR D 20 18.64 -13.66 8.87
C TYR D 20 17.98 -14.72 9.75
N VAL D 21 17.87 -15.94 9.24
CA VAL D 21 17.23 -17.03 9.99
C VAL D 21 18.12 -18.25 9.88
N SER D 22 18.07 -19.14 10.87
CA SER D 22 18.94 -20.34 10.85
C SER D 22 18.30 -21.50 10.05
N ASN D 23 16.97 -21.56 10.04
CA ASN D 23 16.28 -22.60 9.29
C ASN D 23 15.11 -21.95 8.61
N VAL D 24 15.16 -22.02 7.27
CA VAL D 24 14.22 -21.27 6.42
C VAL D 24 12.82 -21.90 6.53
N GLU D 25 12.75 -23.21 6.52
CA GLU D 25 11.48 -23.90 6.61
C GLU D 25 10.76 -23.60 7.90
N ARG D 26 11.45 -23.72 9.02
CA ARG D 26 10.81 -23.47 10.26
CA ARG D 26 10.82 -23.44 10.32
C ARG D 26 10.37 -22.02 10.37
N SER D 27 11.23 -21.11 9.90
CA SER D 27 10.84 -19.71 9.88
C SER D 27 9.70 -19.39 8.87
N THR D 28 9.68 -20.06 7.70
CA THR D 28 8.58 -19.86 6.76
C THR D 28 7.30 -20.26 7.51
N ASP D 29 7.36 -21.38 8.23
CA ASP D 29 6.18 -21.89 8.96
C ASP D 29 5.77 -20.99 10.09
N PHE D 30 6.72 -20.29 10.76
CA PHE D 30 6.34 -19.36 11.82
C PHE D 30 5.70 -18.10 11.24
N TYR D 31 6.29 -17.53 10.19
CA TYR D 31 5.77 -16.30 9.61
C TYR D 31 4.47 -16.50 8.83
N ARG D 32 4.33 -17.64 8.15
CA ARG D 32 3.02 -18.08 7.61
C ARG D 32 1.90 -18.02 8.67
N PHE D 33 2.17 -18.52 9.88
CA PHE D 33 1.16 -18.46 10.96
C PHE D 33 0.91 -17.02 11.44
N ILE D 34 1.98 -16.27 11.62
CA ILE D 34 1.90 -14.93 12.18
C ILE D 34 1.23 -13.94 11.22
N PHE D 35 1.57 -14.02 9.96
CA PHE D 35 0.97 -13.17 8.95
C PHE D 35 -0.38 -13.68 8.43
N LYS D 36 -0.72 -14.95 8.66
CA LYS D 36 -1.92 -15.59 8.07
C LYS D 36 -1.91 -15.45 6.53
N LYS D 37 -0.74 -15.73 5.93
CA LYS D 37 -0.49 -15.42 4.55
C LYS D 37 0.67 -16.27 4.11
N GLU D 38 0.57 -16.76 2.89
CA GLU D 38 1.63 -17.53 2.26
C GLU D 38 2.68 -16.56 1.77
N PRO D 39 3.92 -17.05 1.58
CA PRO D 39 4.95 -16.17 1.02
C PRO D 39 4.61 -15.87 -0.42
N VAL D 40 5.19 -14.84 -1.02
CA VAL D 40 4.99 -14.63 -2.44
C VAL D 40 6.11 -15.24 -3.28
N PHE D 41 7.31 -15.31 -2.70
CA PHE D 41 8.50 -15.81 -3.39
C PHE D 41 9.10 -16.84 -2.41
N VAL D 42 9.54 -17.98 -2.93
CA VAL D 42 10.02 -19.07 -2.09
C VAL D 42 11.18 -19.77 -2.76
N THR D 43 12.34 -19.82 -2.08
CA THR D 43 13.46 -20.65 -2.52
C THR D 43 14.07 -21.37 -1.29
N PRO D 44 15.03 -22.28 -1.52
CA PRO D 44 15.68 -22.95 -0.38
C PRO D 44 16.32 -21.97 0.61
N ARG D 45 17.00 -20.97 0.07
CA ARG D 45 17.79 -19.97 0.84
C ARG D 45 17.03 -18.70 1.30
N TYR D 46 16.02 -18.32 0.52
CA TYR D 46 15.45 -16.98 0.51
C TYR D 46 13.96 -17.01 0.25
N VAL D 47 13.21 -16.48 1.21
CA VAL D 47 11.74 -16.51 1.16
C VAL D 47 11.20 -15.16 1.49
N ALA D 48 10.27 -14.64 0.68
CA ALA D 48 9.77 -13.30 0.94
C ALA D 48 8.30 -13.30 1.04
N PHE D 49 7.81 -12.51 1.98
CA PHE D 49 6.41 -12.28 2.25
C PHE D 49 6.04 -10.86 1.92
N PRO D 50 4.75 -10.61 1.63
CA PRO D 50 4.37 -9.30 1.15
C PRO D 50 4.14 -8.38 2.34
N SER D 51 4.46 -7.13 2.13
CA SER D 51 4.26 -6.08 3.12
C SER D 51 3.40 -5.06 2.35
N SER D 52 3.10 -3.91 2.90
CA SER D 52 2.33 -2.89 2.16
C SER D 52 2.95 -2.43 0.82
N GLY D 53 2.12 -2.17 -0.17
CA GLY D 53 2.62 -1.70 -1.45
C GLY D 53 3.52 -2.71 -2.17
N ASP D 54 4.65 -2.20 -2.68
CA ASP D 54 5.67 -3.03 -3.36
C ASP D 54 6.75 -3.53 -2.35
N ALA D 55 6.51 -3.32 -1.05
CA ALA D 55 7.50 -3.70 -0.02
C ALA D 55 7.48 -5.20 0.26
N LEU D 56 8.60 -5.73 0.72
CA LEU D 56 8.71 -7.12 1.08
C LEU D 56 9.34 -7.28 2.44
N PHE D 57 8.97 -8.38 3.09
CA PHE D 57 9.60 -8.85 4.33
C PHE D 57 10.18 -10.20 4.01
N ALA D 58 11.48 -10.34 4.22
CA ALA D 58 12.23 -11.50 3.76
C ALA D 58 13.09 -12.13 4.85
N ILE D 59 13.18 -13.45 4.74
CA ILE D 59 13.98 -14.30 5.62
C ILE D 59 15.01 -14.96 4.73
N TRP D 60 16.24 -15.03 5.22
CA TRP D 60 17.37 -15.49 4.46
C TRP D 60 18.39 -16.28 5.33
N SER D 61 18.77 -17.49 4.94
CA SER D 61 19.81 -18.23 5.68
C SER D 61 21.26 -17.96 5.23
N GLY D 62 21.41 -17.15 4.18
CA GLY D 62 22.71 -16.84 3.61
C GLY D 62 23.48 -15.69 4.27
N GLY D 63 22.89 -15.04 5.26
CA GLY D 63 23.67 -14.15 6.08
C GLY D 63 24.36 -14.87 7.22
N GLU D 64 24.66 -14.09 8.24
CA GLU D 64 25.26 -14.62 9.45
C GLU D 64 24.10 -15.26 10.22
N GLU D 65 24.34 -16.44 10.74
CA GLU D 65 23.39 -17.10 11.60
C GLU D 65 23.14 -16.31 12.91
N PRO D 66 21.88 -15.94 13.17
CA PRO D 66 21.60 -15.22 14.42
C PRO D 66 21.94 -16.03 15.69
N VAL D 67 22.31 -15.32 16.75
CA VAL D 67 22.75 -15.91 17.95
C VAL D 67 21.90 -15.39 19.08
N ALA D 68 21.42 -16.32 19.91
CA ALA D 68 20.28 -16.06 20.82
C ALA D 68 20.56 -15.02 21.86
N GLU D 69 21.79 -14.96 22.36
CA GLU D 69 22.08 -14.09 23.49
C GLU D 69 22.76 -12.80 23.09
N ILE D 70 22.96 -12.59 21.79
CA ILE D 70 23.54 -11.32 21.26
C ILE D 70 22.41 -10.31 21.17
N PRO D 71 22.51 -9.21 21.91
CA PRO D 71 21.37 -8.31 21.85
C PRO D 71 21.07 -7.75 20.44
N ARG D 72 19.79 -7.38 20.24
CA ARG D 72 19.22 -6.86 19.01
C ARG D 72 18.84 -5.41 19.18
N PHE D 73 18.99 -4.66 18.10
CA PHE D 73 18.70 -3.21 18.10
C PHE D 73 17.75 -2.77 16.98
N SER D 74 16.87 -3.67 16.64
CA SER D 74 15.79 -3.32 15.74
C SER D 74 14.57 -4.20 16.01
N GLU D 75 13.46 -3.91 15.36
CA GLU D 75 12.19 -4.65 15.60
C GLU D 75 11.45 -4.73 14.31
N ILE D 76 10.76 -5.85 14.14
CA ILE D 76 9.75 -6.06 13.09
C ILE D 76 8.45 -5.63 13.71
N GLY D 77 7.88 -4.56 13.17
CA GLY D 77 6.63 -4.06 13.67
C GLY D 77 5.42 -4.40 12.84
N ILE D 78 4.29 -4.59 13.52
CA ILE D 78 3.02 -4.96 12.90
C ILE D 78 2.03 -3.96 13.44
N MET D 79 1.59 -3.04 12.58
CA MET D 79 0.75 -1.96 13.07
C MET D 79 -0.68 -2.37 12.70
N LEU D 80 -1.55 -2.48 13.71
CA LEU D 80 -2.96 -2.82 13.50
C LEU D 80 -3.87 -1.55 13.56
N PRO D 81 -5.15 -1.66 13.14
CA PRO D 81 -5.97 -0.42 13.15
C PRO D 81 -6.10 0.27 14.51
N THR D 82 -6.26 -0.51 15.57
CA THR D 82 -6.64 0.00 16.89
C THR D 82 -6.01 -0.76 18.08
N GLY D 83 -6.01 -0.13 19.26
CA GLY D 83 -5.61 -0.80 20.49
C GLY D 83 -6.39 -2.08 20.80
N GLU D 84 -7.71 -2.06 20.56
CA GLU D 84 -8.52 -3.26 20.82
C GLU D 84 -8.03 -4.43 19.94
N ASP D 85 -7.74 -4.21 18.67
CA ASP D 85 -7.13 -5.26 17.82
C ASP D 85 -5.84 -5.86 18.34
N VAL D 86 -5.01 -5.04 18.99
CA VAL D 86 -3.71 -5.52 19.53
C VAL D 86 -3.95 -6.50 20.69
N ASP D 87 -4.89 -6.22 21.59
CA ASP D 87 -5.23 -7.18 22.66
C ASP D 87 -5.92 -8.48 22.14
N LYS D 88 -6.76 -8.37 21.11
CA LYS D 88 -7.44 -9.54 20.56
C LYS D 88 -6.42 -10.45 19.92
N LEU D 89 -5.46 -9.83 19.23
CA LEU D 89 -4.36 -10.56 18.60
C LEU D 89 -3.44 -11.19 19.66
N PHE D 90 -3.19 -10.51 20.78
CA PHE D 90 -2.36 -11.11 21.82
C PHE D 90 -3.04 -12.36 22.38
N ASN D 91 -4.32 -12.24 22.67
CA ASN D 91 -5.13 -13.34 23.22
C ASN D 91 -4.99 -14.56 22.31
N GLU D 92 -5.47 -14.40 21.08
CA GLU D 92 -5.41 -15.43 20.02
C GLU D 92 -3.99 -16.10 19.90
N TRP D 93 -2.89 -15.34 19.88
CA TRP D 93 -1.58 -16.00 19.74
C TRP D 93 -1.12 -16.79 20.95
N THR D 94 -1.43 -16.29 22.15
CA THR D 94 -1.09 -16.97 23.40
C THR D 94 -1.99 -18.14 23.76
N LYS D 95 -3.21 -18.14 23.21
CA LYS D 95 -4.21 -19.17 23.50
C LYS D 95 -3.84 -20.47 22.79
N GLN D 96 -3.38 -20.35 21.54
CA GLN D 96 -3.15 -21.54 20.71
C GLN D 96 -1.79 -22.15 21.05
N LYS D 97 -1.65 -23.47 20.81
CA LYS D 97 -0.45 -24.20 21.18
C LYS D 97 0.39 -24.73 19.99
N SER D 98 -0.19 -24.72 18.78
CA SER D 98 0.48 -25.24 17.58
C SER D 98 1.86 -24.58 17.33
N HIS D 99 1.91 -23.26 17.49
CA HIS D 99 3.16 -22.52 17.32
C HIS D 99 3.55 -21.90 18.66
N GLN D 100 4.71 -22.27 19.16
CA GLN D 100 5.15 -21.80 20.47
C GLN D 100 5.45 -20.32 20.37
N ILE D 101 4.64 -19.51 21.06
CA ILE D 101 4.78 -18.04 21.02
C ILE D 101 5.55 -17.53 22.24
N ILE D 102 6.76 -17.02 22.01
CA ILE D 102 7.63 -16.60 23.10
C ILE D 102 7.34 -15.15 23.43
N VAL D 103 6.71 -14.88 24.57
CA VAL D 103 6.28 -13.53 24.90
C VAL D 103 7.36 -12.77 25.63
N ILE D 104 7.83 -11.68 25.02
CA ILE D 104 8.81 -10.76 25.66
C ILE D 104 8.15 -9.77 26.64
N LYS D 105 7.14 -9.06 26.17
CA LYS D 105 6.35 -8.14 27.03
C LYS D 105 4.89 -8.36 26.70
N GLU D 106 4.09 -8.45 27.74
CA GLU D 106 2.66 -8.55 27.61
C GLU D 106 2.14 -7.17 27.24
N PRO D 107 0.92 -7.13 26.63
CA PRO D 107 0.23 -5.87 26.33
C PRO D 107 0.40 -4.82 27.43
N TYR D 108 0.79 -3.62 27.00
CA TYR D 108 1.04 -2.49 27.88
C TYR D 108 0.98 -1.22 27.02
N THR D 109 0.87 -0.04 27.64
CA THR D 109 0.81 1.20 26.87
C THR D 109 2.22 1.82 26.74
N ASP D 110 2.69 2.06 25.51
CA ASP D 110 4.01 2.69 25.24
C ASP D 110 3.72 4.02 24.50
N VAL D 111 4.72 4.55 23.78
CA VAL D 111 4.53 5.72 22.91
C VAL D 111 3.55 5.39 21.76
N PHE D 112 3.67 4.18 21.20
CA PHE D 112 2.78 3.65 20.15
C PHE D 112 1.28 3.62 20.56
N GLY D 113 0.99 3.51 21.86
CA GLY D 113 -0.32 3.09 22.38
C GLY D 113 -0.28 1.62 22.83
N ARG D 114 -1.34 0.87 22.53
CA ARG D 114 -1.47 -0.46 23.06
C ARG D 114 -0.58 -1.48 22.29
N THR D 115 0.47 -2.01 22.93
CA THR D 115 1.55 -2.69 22.20
C THR D 115 1.96 -3.95 22.94
N PHE D 116 2.51 -4.93 22.22
CA PHE D 116 3.19 -6.04 22.89
C PHE D 116 4.33 -6.53 22.06
N LEU D 117 5.16 -7.41 22.64
CA LEU D 117 6.37 -7.87 21.98
C LEU D 117 6.54 -9.39 22.10
N ILE D 118 6.94 -10.02 21.01
CA ILE D 118 7.24 -11.44 21.01
C ILE D 118 8.59 -11.65 20.29
N SER D 119 9.17 -12.84 20.39
CA SER D 119 10.45 -13.20 19.82
C SER D 119 10.17 -14.22 18.71
N ASP D 120 10.84 -14.15 17.56
CA ASP D 120 10.70 -15.20 16.56
C ASP D 120 11.66 -16.32 16.93
N PRO D 121 11.70 -17.38 16.15
CA PRO D 121 12.59 -18.51 16.44
C PRO D 121 14.11 -18.16 16.47
N ASP D 122 14.52 -17.06 15.85
CA ASP D 122 15.93 -16.67 15.91
C ASP D 122 16.09 -15.45 16.77
N GLY D 123 15.14 -15.22 17.66
CA GLY D 123 15.24 -14.10 18.60
C GLY D 123 15.00 -12.71 18.01
N HIS D 124 14.39 -12.61 16.83
CA HIS D 124 14.11 -11.32 16.21
C HIS D 124 12.92 -10.75 17.01
N ILE D 125 12.90 -9.45 17.28
CA ILE D 125 11.84 -8.92 18.15
C ILE D 125 10.71 -8.47 17.22
N ILE D 126 9.48 -8.91 17.49
CA ILE D 126 8.30 -8.50 16.79
C ILE D 126 7.47 -7.67 17.76
N ARG D 127 7.13 -6.46 17.36
CA ARG D 127 6.22 -5.61 18.07
C ARG D 127 4.92 -5.51 17.28
N VAL D 128 3.79 -5.58 17.98
CA VAL D 128 2.43 -5.39 17.45
C VAL D 128 1.96 -4.10 18.11
N CYS D 129 1.48 -3.12 17.37
CA CYS D 129 1.04 -1.85 17.98
C CYS D 129 -0.09 -1.27 17.14
N PRO D 130 -0.72 -0.20 17.58
CA PRO D 130 -1.83 0.32 16.75
C PRO D 130 -1.37 1.36 15.72
N LEU D 131 -2.14 1.58 14.65
CA LEU D 131 -1.73 2.55 13.64
C LEU D 131 -1.63 3.87 14.34
N ASP D 132 -0.45 4.48 14.23
CA ASP D 132 -0.10 5.68 15.01
C ASP D 132 -0.72 6.92 14.36
#